data_5ZBF
#
_entry.id   5ZBF
#
_cell.length_a   34.804
_cell.length_b   40.103
_cell.length_c   148.704
_cell.angle_alpha   90.00
_cell.angle_beta   90.00
_cell.angle_gamma   90.00
#
_symmetry.space_group_name_H-M   'P 21 21 21'
#
loop_
_entity.id
_entity.type
_entity.pdbx_description
1 polymer 'Cupin domain protein'
2 non-polymer '3-(4-HYDROXY-PHENYL)PYRUVIC ACID'
3 non-polymer 'FE (II) ION'
4 water water
#
_entity_poly.entity_id   1
_entity_poly.type   'polypeptide(L)'
_entity_poly.pdbx_seq_one_letter_code
;MSEFFPVPKPIKLNPHVELEVFQCQDTIFQLSVIAPNAKLESHQHPESQIGMVLSGELELYIKDVIKPLRALQDIHVADA
NVSHGFVNPLSEPMIGFDLKRITSSLPSEDVVLTLSNNQDKITHLPCQSVKGSWFEIVMMKIPSGYSIPPHQGEQEEIGF
ILNGKLEIFIENEEQCLEYGQIYYAPSKVLKKGYNSSNQDINLIKILILEHHHHHH
;
_entity_poly.pdbx_strand_id   A
#
loop_
_chem_comp.id
_chem_comp.type
_chem_comp.name
_chem_comp.formula
ENO non-polymer '3-(4-HYDROXY-PHENYL)PYRUVIC ACID' 'C9 H8 O4'
FE2 non-polymer 'FE (II) ION' 'Fe 2'
#
# COMPACT_ATOMS: atom_id res chain seq x y z
N SER A 2 10.97 2.14 -14.74
CA SER A 2 12.30 2.41 -14.11
C SER A 2 12.29 1.94 -12.67
N GLU A 3 13.45 1.92 -12.02
CA GLU A 3 13.51 1.55 -10.61
C GLU A 3 12.57 2.43 -9.78
N PHE A 4 12.63 3.75 -9.99
CA PHE A 4 11.86 4.69 -9.17
C PHE A 4 10.40 4.80 -9.56
N PHE A 5 10.08 4.50 -10.82
CA PHE A 5 8.71 4.51 -11.30
C PHE A 5 8.45 3.19 -12.03
N PRO A 6 8.29 2.11 -11.25
CA PRO A 6 8.25 0.78 -11.85
C PRO A 6 7.00 0.52 -12.71
N VAL A 7 7.22 -0.18 -13.82
CA VAL A 7 6.14 -0.60 -14.70
C VAL A 7 5.55 -1.91 -14.17
N PRO A 8 4.22 -1.98 -13.97
CA PRO A 8 3.64 -3.21 -13.43
C PRO A 8 3.51 -4.31 -14.49
N LYS A 9 3.48 -5.55 -14.02
CA LYS A 9 3.18 -6.72 -14.83
C LYS A 9 1.75 -7.15 -14.49
N PRO A 10 0.86 -7.29 -15.51
CA PRO A 10 -0.51 -7.72 -15.24
C PRO A 10 -0.62 -9.25 -15.15
N ILE A 11 -1.22 -9.74 -14.08
CA ILE A 11 -1.38 -11.17 -13.84
CA ILE A 11 -1.44 -11.19 -13.97
C ILE A 11 -2.82 -11.51 -13.48
N LYS A 12 -3.28 -12.69 -13.88
CA LYS A 12 -4.57 -13.18 -13.43
C LYS A 12 -4.29 -14.40 -12.60
N LEU A 13 -4.65 -14.31 -11.32
CA LEU A 13 -4.17 -15.29 -10.36
C LEU A 13 -5.07 -16.49 -10.38
N ASN A 14 -6.36 -16.22 -10.56
CA ASN A 14 -7.36 -17.26 -10.72
C ASN A 14 -8.55 -16.52 -11.30
N PRO A 15 -9.68 -17.21 -11.49
CA PRO A 15 -10.79 -16.51 -12.12
C PRO A 15 -11.29 -15.30 -11.32
N HIS A 16 -10.94 -15.21 -10.04
CA HIS A 16 -11.37 -14.08 -9.22
C HIS A 16 -10.44 -12.93 -9.03
N VAL A 17 -9.15 -13.12 -9.26
CA VAL A 17 -8.16 -12.12 -8.85
C VAL A 17 -7.29 -11.66 -10.00
N GLU A 18 -7.30 -10.35 -10.25
CA GLU A 18 -6.39 -9.74 -11.21
C GLU A 18 -5.47 -8.80 -10.45
N LEU A 19 -4.19 -8.84 -10.82
CA LEU A 19 -3.17 -8.06 -10.14
C LEU A 19 -2.34 -7.24 -11.13
N GLU A 20 -1.90 -6.07 -10.66
CA GLU A 20 -0.83 -5.30 -11.30
C GLU A 20 0.34 -5.35 -10.33
N VAL A 21 1.41 -6.03 -10.75
CA VAL A 21 2.51 -6.40 -9.84
C VAL A 21 3.73 -5.52 -10.11
N PHE A 22 4.18 -4.82 -9.08
CA PHE A 22 5.30 -3.90 -9.20
C PHE A 22 6.46 -4.37 -8.31
N GLN A 23 7.66 -4.42 -8.87
CA GLN A 23 8.84 -4.81 -8.09
C GLN A 23 9.48 -3.57 -7.51
N CYS A 24 9.73 -3.57 -6.20
CA CYS A 24 10.40 -2.47 -5.50
C CYS A 24 11.57 -3.06 -4.69
N GLN A 25 12.65 -3.37 -5.40
CA GLN A 25 13.76 -4.15 -4.86
C GLN A 25 13.24 -5.43 -4.18
N ASP A 26 13.34 -5.55 -2.86
CA ASP A 26 12.95 -6.80 -2.19
C ASP A 26 11.50 -6.80 -1.70
N THR A 27 10.76 -5.75 -2.05
CA THR A 27 9.34 -5.67 -1.76
C THR A 27 8.55 -5.74 -3.07
N ILE A 28 7.49 -6.54 -3.06
CA ILE A 28 6.51 -6.55 -4.14
C ILE A 28 5.29 -5.75 -3.70
N PHE A 29 4.89 -4.80 -4.53
CA PHE A 29 3.66 -4.05 -4.33
C PHE A 29 2.71 -4.48 -5.43
N GLN A 30 1.46 -4.76 -5.06
CA GLN A 30 0.45 -5.07 -6.08
C GLN A 30 -0.86 -4.36 -5.88
N LEU A 31 -1.46 -3.92 -6.98
CA LEU A 31 -2.83 -3.46 -6.99
C LEU A 31 -3.69 -4.66 -7.38
N SER A 32 -4.77 -4.86 -6.65
CA SER A 32 -5.64 -6.03 -6.78
CA SER A 32 -5.63 -6.03 -6.84
C SER A 32 -7.06 -5.64 -7.20
N VAL A 33 -7.68 -6.49 -8.02
CA VAL A 33 -9.10 -6.41 -8.30
C VAL A 33 -9.66 -7.80 -8.02
N ILE A 34 -10.49 -7.90 -7.00
CA ILE A 34 -11.15 -9.16 -6.61
C ILE A 34 -12.61 -9.13 -7.05
N ALA A 35 -13.03 -10.16 -7.78
CA ALA A 35 -14.36 -10.21 -8.37
C ALA A 35 -15.49 -10.15 -7.33
N PRO A 36 -16.65 -9.63 -7.73
CA PRO A 36 -17.83 -9.71 -6.88
C PRO A 36 -18.04 -11.09 -6.28
N ASN A 37 -18.36 -11.12 -5.00
CA ASN A 37 -18.72 -12.33 -4.28
C ASN A 37 -17.64 -13.43 -4.22
N ALA A 38 -16.39 -13.08 -4.55
CA ALA A 38 -15.32 -14.07 -4.60
C ALA A 38 -15.02 -14.71 -3.24
N LYS A 39 -14.81 -16.02 -3.25
CA LYS A 39 -14.16 -16.74 -2.17
C LYS A 39 -12.73 -17.04 -2.57
N LEU A 40 -11.79 -16.62 -1.72
CA LEU A 40 -10.36 -16.85 -1.95
C LEU A 40 -9.87 -17.85 -0.92
N GLU A 41 -9.48 -19.04 -1.39
CA GLU A 41 -8.99 -20.09 -0.51
C GLU A 41 -7.76 -19.61 0.25
N SER A 42 -7.68 -20.00 1.52
CA SER A 42 -6.54 -19.64 2.34
CA SER A 42 -6.54 -19.63 2.34
C SER A 42 -5.25 -20.18 1.74
N HIS A 43 -4.19 -19.38 1.85
CA HIS A 43 -2.87 -19.84 1.45
C HIS A 43 -1.85 -19.35 2.44
N GLN A 44 -0.62 -19.82 2.29
CA GLN A 44 0.48 -19.33 3.08
C GLN A 44 1.70 -19.21 2.20
N HIS A 45 2.59 -18.31 2.58
CA HIS A 45 3.84 -18.10 1.88
C HIS A 45 4.84 -17.47 2.83
N PRO A 46 6.13 -17.64 2.53
CA PRO A 46 7.16 -17.14 3.44
C PRO A 46 7.21 -15.62 3.51
N GLU A 47 6.73 -14.93 2.49
CA GLU A 47 6.65 -13.47 2.56
C GLU A 47 5.58 -13.05 3.55
N SER A 48 5.93 -12.06 4.37
CA SER A 48 4.95 -11.33 5.17
C SER A 48 4.14 -10.44 4.26
N GLN A 49 2.91 -10.17 4.64
CA GLN A 49 1.97 -9.46 3.79
C GLN A 49 1.12 -8.48 4.59
N ILE A 50 0.92 -7.32 4.01
CA ILE A 50 -0.02 -6.32 4.50
C ILE A 50 -0.80 -5.78 3.33
N GLY A 51 -1.96 -5.19 3.61
CA GLY A 51 -2.73 -4.55 2.55
C GLY A 51 -3.95 -3.82 3.03
N MET A 52 -4.60 -3.12 2.10
CA MET A 52 -5.79 -2.34 2.40
CA MET A 52 -5.76 -2.31 2.41
C MET A 52 -6.74 -2.41 1.24
N VAL A 53 -8.03 -2.30 1.55
CA VAL A 53 -9.07 -2.12 0.54
C VAL A 53 -9.10 -0.63 0.17
N LEU A 54 -9.14 -0.36 -1.12
CA LEU A 54 -9.30 1.02 -1.63
C LEU A 54 -10.74 1.34 -2.00
N SER A 55 -11.44 0.36 -2.56
CA SER A 55 -12.84 0.49 -2.91
C SER A 55 -13.51 -0.86 -2.69
N GLY A 56 -14.66 -0.83 -2.03
CA GLY A 56 -15.41 -2.06 -1.71
C GLY A 56 -15.22 -2.47 -0.26
N GLU A 57 -15.21 -3.78 -0.03
CA GLU A 57 -15.10 -4.34 1.32
C GLU A 57 -14.49 -5.74 1.15
N LEU A 58 -13.87 -6.22 2.22
CA LEU A 58 -13.27 -7.54 2.21
C LEU A 58 -13.40 -8.14 3.60
N GLU A 59 -13.48 -9.47 3.65
CA GLU A 59 -13.45 -10.19 4.91
C GLU A 59 -12.17 -11.01 4.92
N LEU A 60 -11.39 -10.81 5.98
CA LEU A 60 -10.15 -11.52 6.22
C LEU A 60 -10.38 -12.77 7.09
N TYR A 61 -9.89 -13.90 6.60
CA TYR A 61 -9.93 -15.18 7.31
C TYR A 61 -8.50 -15.48 7.73
N ILE A 62 -8.27 -15.43 9.04
CA ILE A 62 -6.92 -15.57 9.59
C ILE A 62 -7.03 -16.00 11.05
N LYS A 63 -6.14 -16.88 11.49
CA LYS A 63 -6.15 -17.37 12.88
C LYS A 63 -7.55 -17.77 13.38
N ASP A 64 -8.27 -18.56 12.58
CA ASP A 64 -9.60 -19.08 12.94
C ASP A 64 -10.65 -18.02 13.30
N VAL A 65 -10.43 -16.78 12.87
CA VAL A 65 -11.43 -15.71 13.04
C VAL A 65 -11.68 -15.05 11.69
N ILE A 66 -12.76 -14.29 11.62
CA ILE A 66 -13.14 -13.57 10.42
C ILE A 66 -13.19 -12.08 10.79
N LYS A 67 -12.44 -11.25 10.06
CA LYS A 67 -12.34 -9.81 10.33
C LYS A 67 -12.74 -8.98 9.12
N PRO A 68 -13.75 -8.12 9.28
CA PRO A 68 -14.08 -7.23 8.16
C PRO A 68 -13.00 -6.15 7.93
N LEU A 69 -12.81 -5.78 6.68
CA LEU A 69 -11.83 -4.76 6.29
C LEU A 69 -12.56 -3.67 5.54
N ARG A 70 -12.48 -2.44 6.06
CA ARG A 70 -13.16 -1.30 5.46
C ARG A 70 -12.24 -0.49 4.56
N ALA A 71 -12.82 0.03 3.48
CA ALA A 71 -12.07 0.82 2.49
C ALA A 71 -11.38 2.02 3.15
N LEU A 72 -10.10 2.20 2.84
CA LEU A 72 -9.30 3.34 3.27
C LEU A 72 -9.19 3.49 4.80
N GLN A 73 -9.41 2.40 5.53
CA GLN A 73 -9.37 2.42 7.00
C GLN A 73 -8.50 1.30 7.61
N ASP A 74 -8.77 0.06 7.22
CA ASP A 74 -8.17 -1.09 7.86
C ASP A 74 -7.01 -1.65 7.03
N ILE A 75 -6.00 -2.13 7.74
CA ILE A 75 -4.91 -2.81 7.08
CA ILE A 75 -4.83 -2.79 7.15
C ILE A 75 -4.82 -4.23 7.65
N HIS A 76 -4.83 -5.21 6.75
CA HIS A 76 -4.67 -6.61 7.17
C HIS A 76 -3.18 -6.89 7.30
N VAL A 77 -2.82 -7.77 8.24
CA VAL A 77 -1.43 -8.10 8.50
C VAL A 77 -1.30 -9.62 8.63
N ALA A 78 -0.60 -10.24 7.69
CA ALA A 78 -0.36 -11.69 7.70
C ALA A 78 1.14 -11.93 7.77
N ASP A 79 1.63 -12.30 8.96
CA ASP A 79 3.06 -12.58 9.13
C ASP A 79 3.47 -13.83 8.36
N ALA A 80 4.77 -14.11 8.35
CA ALA A 80 5.34 -15.19 7.52
C ALA A 80 4.63 -16.51 7.76
N ASN A 81 4.19 -17.14 6.67
CA ASN A 81 3.53 -18.46 6.70
C ASN A 81 2.26 -18.56 7.54
N VAL A 82 1.65 -17.41 7.87
CA VAL A 82 0.36 -17.40 8.57
C VAL A 82 -0.70 -17.60 7.50
N SER A 83 -1.53 -18.63 7.68
CA SER A 83 -2.56 -18.93 6.70
CA SER A 83 -2.57 -18.94 6.71
C SER A 83 -3.59 -17.80 6.65
N HIS A 84 -3.87 -17.33 5.44
CA HIS A 84 -4.84 -16.24 5.27
C HIS A 84 -5.65 -16.42 4.00
N GLY A 85 -6.93 -16.11 4.12
CA GLY A 85 -7.86 -16.15 2.97
C GLY A 85 -8.79 -14.97 3.05
N PHE A 86 -9.65 -14.83 2.04
CA PHE A 86 -10.56 -13.70 1.94
C PHE A 86 -11.90 -14.07 1.32
N VAL A 87 -12.94 -13.35 1.70
CA VAL A 87 -14.19 -13.32 0.95
C VAL A 87 -14.52 -11.88 0.62
N ASN A 88 -14.93 -11.63 -0.62
CA ASN A 88 -15.54 -10.34 -0.97
C ASN A 88 -17.03 -10.44 -0.65
N PRO A 89 -17.50 -9.72 0.40
CA PRO A 89 -18.89 -9.83 0.83
C PRO A 89 -19.89 -9.05 -0.03
N LEU A 90 -19.38 -8.29 -1.01
CA LEU A 90 -20.22 -7.46 -1.86
C LEU A 90 -20.35 -7.99 -3.28
N SER A 91 -21.41 -7.54 -3.96
CA SER A 91 -21.59 -7.82 -5.38
CA SER A 91 -21.59 -7.82 -5.38
C SER A 91 -20.91 -6.76 -6.27
N GLU A 92 -19.98 -6.01 -5.68
CA GLU A 92 -19.13 -5.06 -6.39
C GLU A 92 -17.69 -5.57 -6.28
N PRO A 93 -16.84 -5.29 -7.29
CA PRO A 93 -15.44 -5.67 -7.15
C PRO A 93 -14.79 -5.00 -5.94
N MET A 94 -13.78 -5.65 -5.39
CA MET A 94 -12.93 -5.05 -4.36
C MET A 94 -11.66 -4.61 -5.05
N ILE A 95 -11.35 -3.31 -4.98
CA ILE A 95 -10.08 -2.80 -5.47
C ILE A 95 -9.19 -2.56 -4.25
N GLY A 96 -8.00 -3.16 -4.21
CA GLY A 96 -7.10 -3.02 -3.05
C GLY A 96 -5.64 -3.03 -3.42
N PHE A 97 -4.78 -3.01 -2.41
CA PHE A 97 -3.35 -3.23 -2.64
C PHE A 97 -2.80 -4.12 -1.56
N ASP A 98 -1.67 -4.76 -1.86
CA ASP A 98 -0.89 -5.53 -0.89
CA ASP A 98 -0.90 -5.43 -0.84
C ASP A 98 0.58 -5.24 -1.09
N LEU A 99 1.36 -5.45 -0.03
CA LEU A 99 2.81 -5.46 -0.11
C LEU A 99 3.27 -6.76 0.49
N LYS A 100 4.26 -7.37 -0.14
CA LYS A 100 4.83 -8.63 0.32
C LYS A 100 6.35 -8.54 0.35
N ARG A 101 6.93 -9.10 1.42
CA ARG A 101 8.35 -8.95 1.69
C ARG A 101 8.76 -10.02 2.68
N ILE A 102 9.92 -10.64 2.47
CA ILE A 102 10.52 -11.51 3.49
C ILE A 102 11.05 -10.59 4.57
N THR A 103 10.45 -10.66 5.76
CA THR A 103 10.79 -9.77 6.85
C THR A 103 11.69 -10.41 7.88
N SER A 104 12.43 -9.56 8.58
CA SER A 104 13.27 -9.96 9.69
C SER A 104 12.70 -9.57 11.07
N SER A 105 11.74 -8.65 11.10
CA SER A 105 11.21 -8.06 12.33
CA SER A 105 11.26 -8.08 12.36
C SER A 105 10.47 -9.07 13.22
N LEU A 106 10.38 -8.75 14.51
CA LEU A 106 9.56 -9.53 15.47
C LEU A 106 8.08 -9.54 15.07
N PRO A 107 7.32 -10.55 15.52
CA PRO A 107 5.95 -10.73 15.05
C PRO A 107 5.00 -9.57 15.35
N SER A 108 4.02 -9.41 14.48
CA SER A 108 2.96 -8.42 14.64
C SER A 108 1.99 -8.84 15.74
N GLU A 109 1.58 -7.87 16.55
CA GLU A 109 0.64 -8.13 17.65
C GLU A 109 -0.81 -8.15 17.18
N ASP A 110 -1.09 -7.57 16.02
CA ASP A 110 -2.47 -7.48 15.53
C ASP A 110 -2.55 -7.96 14.08
N VAL A 111 -3.62 -8.70 13.75
CA VAL A 111 -3.90 -9.09 12.35
C VAL A 111 -4.65 -8.00 11.56
N VAL A 112 -5.27 -7.05 12.28
CA VAL A 112 -5.88 -5.89 11.62
C VAL A 112 -5.48 -4.63 12.38
N LEU A 113 -4.97 -3.64 11.65
CA LEU A 113 -4.66 -2.32 12.18
C LEU A 113 -5.58 -1.31 11.53
N THR A 114 -5.77 -0.16 12.19
CA THR A 114 -6.65 0.85 11.66
C THR A 114 -5.96 2.20 11.70
N LEU A 115 -6.10 2.94 10.60
CA LEU A 115 -5.52 4.29 10.50
C LEU A 115 -6.18 5.20 11.50
N SER A 116 -5.40 6.08 12.11
CA SER A 116 -5.91 7.07 13.04
C SER A 116 -5.26 8.42 12.76
N ASN A 117 -5.93 9.48 13.19
CA ASN A 117 -5.48 10.83 12.86
C ASN A 117 -4.11 11.13 13.43
N ASN A 118 -3.28 11.77 12.62
CA ASN A 118 -1.94 12.13 13.02
C ASN A 118 -1.44 13.34 12.23
N GLN A 119 -0.14 13.63 12.33
CA GLN A 119 0.50 14.66 11.52
C GLN A 119 1.71 14.10 10.78
N ASP A 120 1.80 14.39 9.48
CA ASP A 120 2.94 13.96 8.67
C ASP A 120 4.17 14.76 9.10
N LYS A 121 5.26 14.06 9.40
CA LYS A 121 6.47 14.70 9.92
C LYS A 121 7.03 15.77 8.99
N ILE A 122 7.33 15.38 7.75
CA ILE A 122 8.04 16.23 6.80
C ILE A 122 7.27 17.48 6.38
N THR A 123 5.97 17.31 6.12
CA THR A 123 5.12 18.41 5.64
C THR A 123 4.35 19.13 6.74
N HIS A 124 4.19 18.49 7.89
CA HIS A 124 3.30 18.97 8.98
C HIS A 124 1.82 19.04 8.58
N LEU A 125 1.44 18.32 7.52
CA LEU A 125 0.05 18.23 7.11
C LEU A 125 -0.66 17.16 7.92
N PRO A 126 -1.97 17.34 8.14
CA PRO A 126 -2.77 16.30 8.77
C PRO A 126 -2.75 15.00 7.94
N CYS A 127 -2.72 13.87 8.61
CA CYS A 127 -2.71 12.58 7.93
C CYS A 127 -3.45 11.55 8.78
N GLN A 128 -3.62 10.37 8.23
CA GLN A 128 -4.07 9.24 9.01
C GLN A 128 -3.02 8.17 8.81
N SER A 129 -2.60 7.55 9.90
CA SER A 129 -1.50 6.62 9.82
C SER A 129 -1.61 5.51 10.84
N VAL A 130 -0.81 4.48 10.63
CA VAL A 130 -0.58 3.47 11.66
C VAL A 130 0.77 2.81 11.40
N LYS A 131 1.39 2.37 12.49
CA LYS A 131 2.69 1.73 12.44
CA LYS A 131 2.69 1.73 12.43
C LYS A 131 2.53 0.27 12.83
N GLY A 132 3.15 -0.60 12.05
CA GLY A 132 3.15 -2.02 12.34
C GLY A 132 4.55 -2.49 12.62
N SER A 133 4.73 -3.81 12.62
CA SER A 133 5.99 -4.41 13.01
C SER A 133 7.14 -4.13 12.04
N TRP A 134 6.84 -4.06 10.73
CA TRP A 134 7.85 -3.82 9.69
C TRP A 134 7.52 -2.67 8.70
N PHE A 135 6.52 -1.85 9.03
CA PHE A 135 5.97 -0.89 8.09
C PHE A 135 5.24 0.24 8.79
N GLU A 136 5.11 1.37 8.09
CA GLU A 136 4.17 2.41 8.49
C GLU A 136 3.38 2.82 7.26
N ILE A 137 2.07 2.96 7.41
CA ILE A 137 1.22 3.43 6.32
C ILE A 137 0.68 4.81 6.68
N VAL A 138 0.80 5.73 5.73
CA VAL A 138 0.34 7.11 5.90
C VAL A 138 -0.56 7.46 4.72
N MET A 139 -1.76 7.95 5.02
CA MET A 139 -2.69 8.47 4.00
C MET A 139 -2.90 9.94 4.31
N MET A 140 -2.80 10.79 3.30
CA MET A 140 -2.87 12.23 3.53
C MET A 140 -3.30 12.98 2.29
N LYS A 141 -3.98 14.11 2.52
CA LYS A 141 -4.38 14.98 1.42
C LYS A 141 -3.25 15.96 1.14
N ILE A 142 -2.84 16.01 -0.12
CA ILE A 142 -1.89 17.01 -0.61
C ILE A 142 -2.72 18.13 -1.21
N PRO A 143 -2.77 19.30 -0.54
CA PRO A 143 -3.65 20.36 -1.07
C PRO A 143 -3.25 20.86 -2.47
N SER A 144 -4.22 21.36 -3.22
CA SER A 144 -3.94 22.02 -4.50
C SER A 144 -2.84 23.05 -4.33
N GLY A 145 -1.83 22.99 -5.19
CA GLY A 145 -0.72 23.95 -5.14
C GLY A 145 0.42 23.60 -4.19
N TYR A 146 0.22 22.60 -3.34
CA TYR A 146 1.21 22.28 -2.30
C TYR A 146 2.47 21.65 -2.89
N SER A 147 3.62 22.07 -2.39
CA SER A 147 4.91 21.49 -2.76
C SER A 147 5.43 20.63 -1.62
N ILE A 148 5.58 19.32 -1.87
CA ILE A 148 6.14 18.40 -0.89
C ILE A 148 7.64 18.67 -0.87
N PRO A 149 8.17 19.15 0.28
CA PRO A 149 9.57 19.60 0.27
C PRO A 149 10.58 18.47 0.06
N PRO A 150 11.76 18.82 -0.48
CA PRO A 150 12.82 17.84 -0.66
C PRO A 150 13.12 17.12 0.64
N HIS A 151 13.27 15.80 0.56
CA HIS A 151 13.59 15.00 1.73
C HIS A 151 14.34 13.75 1.31
N GLN A 152 15.36 13.40 2.10
CA GLN A 152 16.07 12.14 1.98
C GLN A 152 15.71 11.31 3.19
N GLY A 153 14.99 10.20 2.98
CA GLY A 153 14.57 9.34 4.08
C GLY A 153 15.55 8.22 4.33
N GLU A 154 15.66 7.77 5.58
CA GLU A 154 16.46 6.60 5.90
C GLU A 154 15.75 5.31 5.50
N GLN A 155 14.43 5.39 5.29
CA GLN A 155 13.59 4.23 5.06
CA GLN A 155 13.60 4.22 5.05
C GLN A 155 13.13 4.19 3.61
N GLU A 156 12.98 2.99 3.07
CA GLU A 156 12.40 2.84 1.74
C GLU A 156 10.95 3.28 1.79
N GLU A 157 10.49 3.88 0.71
CA GLU A 157 9.13 4.40 0.63
C GLU A 157 8.51 4.04 -0.70
N ILE A 158 7.28 3.53 -0.64
CA ILE A 158 6.49 3.27 -1.83
C ILE A 158 5.24 4.12 -1.71
N GLY A 159 4.85 4.81 -2.78
CA GLY A 159 3.63 5.61 -2.71
C GLY A 159 2.81 5.68 -3.99
N PHE A 160 1.57 6.13 -3.84
CA PHE A 160 0.68 6.29 -4.97
C PHE A 160 -0.46 7.21 -4.58
N ILE A 161 -1.22 7.65 -5.58
CA ILE A 161 -2.35 8.54 -5.32
C ILE A 161 -3.65 7.93 -5.84
N LEU A 162 -4.76 8.42 -5.28
CA LEU A 162 -6.09 7.88 -5.57
C LEU A 162 -6.88 8.69 -6.57
N ASN A 163 -6.45 9.92 -6.81
CA ASN A 163 -7.18 10.85 -7.66
C ASN A 163 -6.24 11.96 -8.11
N GLY A 164 -6.59 12.63 -9.21
CA GLY A 164 -5.78 13.73 -9.72
C GLY A 164 -4.45 13.31 -10.32
N LYS A 165 -3.52 14.26 -10.37
CA LYS A 165 -2.21 14.08 -10.95
C LYS A 165 -1.16 14.80 -10.11
N LEU A 166 -0.11 14.08 -9.73
CA LEU A 166 0.93 14.60 -8.85
C LEU A 166 2.30 14.49 -9.50
N GLU A 167 3.08 15.57 -9.49
CA GLU A 167 4.46 15.56 -9.98
C GLU A 167 5.36 15.03 -8.87
N ILE A 168 6.14 13.99 -9.16
CA ILE A 168 7.07 13.40 -8.20
C ILE A 168 8.47 13.39 -8.80
N PHE A 169 9.46 13.81 -8.02
CA PHE A 169 10.88 13.76 -8.41
C PHE A 169 11.60 12.83 -7.45
N ILE A 170 12.38 11.90 -7.98
CA ILE A 170 13.21 11.02 -7.17
CA ILE A 170 13.19 10.98 -7.19
C ILE A 170 14.63 10.99 -7.73
N GLU A 171 15.55 11.50 -6.92
CA GLU A 171 17.01 11.54 -7.15
C GLU A 171 17.46 12.35 -8.34
N ASN A 172 17.02 11.90 -9.52
CA ASN A 172 17.47 12.43 -10.78
C ASN A 172 16.46 12.13 -11.90
N GLU A 173 15.20 11.91 -11.51
CA GLU A 173 14.16 11.41 -12.40
C GLU A 173 12.81 12.03 -11.97
N GLU A 174 11.97 12.42 -12.94
CA GLU A 174 10.68 13.05 -12.67
C GLU A 174 9.53 12.47 -13.50
N GLN A 175 8.37 12.30 -12.89
CA GLN A 175 7.16 11.84 -13.57
C GLN A 175 5.89 12.41 -12.93
N CYS A 176 4.85 12.57 -13.73
CA CYS A 176 3.51 12.83 -13.21
C CYS A 176 2.83 11.50 -12.96
N LEU A 177 2.29 11.34 -11.77
CA LEU A 177 1.65 10.10 -11.34
C LEU A 177 0.15 10.28 -11.31
N GLU A 178 -0.55 9.22 -11.68
CA GLU A 178 -1.99 9.12 -11.49
C GLU A 178 -2.27 7.75 -10.86
N TYR A 179 -3.49 7.55 -10.36
CA TYR A 179 -3.85 6.25 -9.83
C TYR A 179 -3.56 5.16 -10.87
N GLY A 180 -3.00 4.05 -10.40
CA GLY A 180 -2.53 2.98 -11.27
C GLY A 180 -1.02 2.88 -11.42
N GLN A 181 -0.32 3.93 -10.99
CA GLN A 181 1.13 4.00 -11.00
C GLN A 181 1.60 4.12 -9.57
N ILE A 182 2.86 3.77 -9.32
CA ILE A 182 3.49 4.03 -8.01
C ILE A 182 4.86 4.68 -8.17
N TYR A 183 5.35 5.26 -7.09
CA TYR A 183 6.76 5.60 -7.01
C TYR A 183 7.41 4.71 -5.96
N TYR A 184 8.70 4.49 -6.15
CA TYR A 184 9.52 3.77 -5.20
C TYR A 184 10.78 4.58 -4.93
N ALA A 185 10.99 4.96 -3.67
CA ALA A 185 12.16 5.72 -3.26
C ALA A 185 13.00 4.87 -2.33
N PRO A 186 14.12 4.33 -2.83
CA PRO A 186 15.02 3.57 -1.96
C PRO A 186 15.56 4.43 -0.83
N SER A 187 16.14 3.78 0.16
CA SER A 187 16.79 4.49 1.26
C SER A 187 17.74 5.55 0.74
N LYS A 188 17.63 6.74 1.31
CA LYS A 188 18.59 7.85 1.10
C LYS A 188 18.45 8.64 -0.20
N VAL A 189 17.51 8.28 -1.08
CA VAL A 189 17.28 9.02 -2.31
CA VAL A 189 17.31 9.05 -2.30
C VAL A 189 16.55 10.34 -1.99
N LEU A 190 16.83 11.38 -2.76
CA LEU A 190 16.13 12.66 -2.60
C LEU A 190 14.78 12.57 -3.30
N LYS A 191 13.71 12.89 -2.59
CA LYS A 191 12.39 12.96 -3.20
C LYS A 191 11.72 14.28 -2.90
N LYS A 192 10.95 14.73 -3.87
CA LYS A 192 10.12 15.91 -3.72
C LYS A 192 8.93 15.76 -4.63
N GLY A 193 7.95 16.63 -4.45
CA GLY A 193 6.72 16.51 -5.20
C GLY A 193 5.97 17.81 -5.27
N TYR A 194 5.01 17.88 -6.16
CA TYR A 194 4.27 19.11 -6.34
C TYR A 194 2.89 18.80 -6.93
N ASN A 195 1.86 19.23 -6.22
CA ASN A 195 0.50 19.15 -6.70
C ASN A 195 0.16 20.41 -7.50
N SER A 196 0.37 20.33 -8.81
CA SER A 196 0.08 21.45 -9.71
C SER A 196 -1.36 21.43 -10.21
N SER A 197 -2.19 20.53 -9.69
CA SER A 197 -3.60 20.44 -10.08
C SER A 197 -4.47 21.36 -9.22
N ASN A 198 -5.72 21.55 -9.62
CA ASN A 198 -6.67 22.38 -8.85
C ASN A 198 -7.51 21.58 -7.84
N GLN A 199 -7.12 20.34 -7.56
CA GLN A 199 -7.80 19.55 -6.54
C GLN A 199 -6.85 18.99 -5.51
N ASP A 200 -7.40 18.68 -4.35
CA ASP A 200 -6.65 18.06 -3.28
C ASP A 200 -6.50 16.59 -3.64
N ILE A 201 -5.27 16.08 -3.50
CA ILE A 201 -4.92 14.73 -3.94
C ILE A 201 -4.73 13.84 -2.72
N ASN A 202 -5.38 12.68 -2.74
CA ASN A 202 -5.24 11.70 -1.68
C ASN A 202 -4.05 10.78 -1.99
N LEU A 203 -3.04 10.84 -1.14
CA LEU A 203 -1.80 10.08 -1.31
C LEU A 203 -1.70 9.03 -0.23
N ILE A 204 -1.26 7.82 -0.61
CA ILE A 204 -0.93 6.79 0.34
C ILE A 204 0.54 6.46 0.18
N LYS A 205 1.27 6.43 1.29
CA LYS A 205 2.65 5.96 1.25
C LYS A 205 2.87 4.89 2.30
N ILE A 206 3.79 3.99 1.99
CA ILE A 206 4.19 2.91 2.87
C ILE A 206 5.69 3.02 3.08
N LEU A 207 6.09 3.16 4.35
CA LEU A 207 7.48 3.19 4.73
C LEU A 207 7.87 1.80 5.19
N ILE A 208 8.96 1.26 4.65
CA ILE A 208 9.45 -0.06 5.03
C ILE A 208 10.47 0.15 6.14
N LEU A 209 10.20 -0.40 7.32
CA LEU A 209 10.97 -0.07 8.52
C LEU A 209 12.25 -0.91 8.73
N GLU A 210 12.45 -1.90 7.87
CA GLU A 210 13.65 -2.74 7.93
C GLU A 210 14.42 -2.63 6.61
N HIS A 211 15.67 -3.08 6.64
CA HIS A 211 16.54 -3.10 5.46
C HIS A 211 17.13 -4.49 5.28
O4 ENO B . -2.86 -12.92 -0.06
C9 ENO B . -4.97 -14.55 -3.48
C8 ENO B . -5.47 -15.84 -3.66
C7 ENO B . -5.81 -16.64 -2.56
C6 ENO B . -5.65 -16.13 -1.27
C5 ENO B . -5.16 -14.83 -1.09
C4 ENO B . -4.82 -14.04 -2.19
O3 ENO B . -6.29 -17.90 -2.74
C3 ENO B . -4.27 -12.64 -1.96
C2 ENO B . -2.91 -12.78 -1.28
C1 ENO B . -1.68 -12.80 -2.08
O2 ENO B . -1.67 -12.38 -3.26
O1 ENO B . -0.64 -13.24 -1.53
FE FE2 C . -1.08 -13.90 0.54
#